data_1YM0
#
_entry.id   1YM0
#
_cell.length_a   96.353
_cell.length_b   96.353
_cell.length_c   150.809
_cell.angle_alpha   90.00
_cell.angle_beta   90.00
_cell.angle_gamma   120.00
#
_symmetry.space_group_name_H-M   'P 63 2 2'
#
loop_
_entity.id
_entity.type
_entity.pdbx_description
1 polymer 'fibrinotic enzyme component B'
2 polymer 'fibrinotic enzyme component B'
3 branched alpha-D-mannopyranose-(1-3)-alpha-D-mannopyranose-(1-4)-2-acetamido-2-deoxy-beta-D-glucopyranose-(1-4)-[alpha-L-fucopyranose-(1-3)][alpha-L-fucopyranose-(1-6)]2-acetamido-2-deoxy-beta-D-glucopyranose
4 non-polymer 'MAGNESIUM ION'
5 non-polymer 'SULFATE ION'
6 water water
#
loop_
_entity_poly.entity_id
_entity_poly.type
_entity_poly.pdbx_seq_one_letter_code
_entity_poly.pdbx_strand_id
1 'polypeptide(L)'
;IVGGIEARPYEFPWQVSVRRKSSDSHFCGGSIINDRWVVCAAHCMQGEAPALVSLVVGEHDSSAASTVRQTHDVDSIFVN
ENYDPATLENDVSVIKTAVAITFDINVGPICAPDPANDYVYRKSQCSGWGTINSGGVCCPAVLRYVTLNITTNAFCDAVY
TSDTIYDDMICATDNTGMTDRDSCQGDSGGPLSVKDGSGIFSLVGIVSWGIGCASGYPGVYSRVGFHAGWITDTITNN
;
A
2 'polypeptide(L)' (PCA)PPVWYPGGQCGVSQYSDAGDMELPPG B
#
# COMPACT_ATOMS: atom_id res chain seq x y z
N ILE A 1 2.36 1.12 -10.87
CA ILE A 1 3.78 1.43 -10.51
C ILE A 1 4.54 1.89 -11.75
N VAL A 2 5.20 3.05 -11.63
CA VAL A 2 5.97 3.60 -12.73
C VAL A 2 7.47 3.46 -12.46
N GLY A 3 8.20 2.99 -13.48
CA GLY A 3 9.63 2.83 -13.34
C GLY A 3 10.08 1.66 -12.46
N GLY A 4 9.17 0.72 -12.22
CA GLY A 4 9.51 -0.41 -11.39
C GLY A 4 9.71 -1.69 -12.18
N ILE A 5 9.70 -2.83 -11.49
CA ILE A 5 9.89 -4.12 -12.11
C ILE A 5 8.87 -5.13 -11.61
N GLU A 6 8.78 -6.27 -12.28
CA GLU A 6 7.86 -7.32 -11.89
C GLU A 6 8.29 -7.89 -10.54
N ALA A 7 7.32 -8.22 -9.70
CA ALA A 7 7.63 -8.82 -8.42
C ALA A 7 7.73 -10.31 -8.73
N ARG A 8 8.43 -11.06 -7.88
CA ARG A 8 8.52 -12.50 -8.07
C ARG A 8 7.24 -13.02 -7.41
N PRO A 9 6.81 -14.24 -7.76
CA PRO A 9 5.59 -14.78 -7.14
C PRO A 9 5.55 -14.68 -5.62
N TYR A 10 4.56 -13.93 -5.12
CA TYR A 10 4.35 -13.77 -3.67
C TYR A 10 5.53 -13.14 -2.92
N GLU A 11 6.26 -12.26 -3.58
CA GLU A 11 7.40 -11.58 -2.96
C GLU A 11 6.93 -10.65 -1.84
N PHE A 12 5.72 -10.13 -1.99
CA PHE A 12 5.11 -9.23 -1.01
C PHE A 12 3.78 -9.89 -0.63
N PRO A 13 3.83 -10.92 0.22
CA PRO A 13 2.68 -11.70 0.70
C PRO A 13 1.51 -10.98 1.36
N TRP A 14 1.71 -9.72 1.73
CA TRP A 14 0.65 -8.92 2.36
C TRP A 14 -0.15 -8.11 1.34
N GLN A 15 0.31 -8.11 0.09
CA GLN A 15 -0.36 -7.35 -0.97
C GLN A 15 -1.78 -7.86 -1.20
N VAL A 16 -2.71 -6.92 -1.32
CA VAL A 16 -4.11 -7.24 -1.55
C VAL A 16 -4.61 -6.53 -2.81
N SER A 17 -5.50 -7.20 -3.55
CA SER A 17 -6.09 -6.61 -4.74
C SER A 17 -7.55 -6.38 -4.37
N VAL A 18 -7.96 -5.12 -4.30
CA VAL A 18 -9.33 -4.79 -3.95
C VAL A 18 -10.08 -4.69 -5.27
N ARG A 19 -11.18 -5.42 -5.39
CA ARG A 19 -11.92 -5.43 -6.64
C ARG A 19 -13.43 -5.33 -6.54
N ARG A 20 -14.05 -4.97 -7.66
CA ARG A 20 -15.49 -4.89 -7.75
C ARG A 20 -15.88 -6.36 -7.92
N LYS A 21 -16.67 -6.88 -6.99
CA LYS A 21 -17.07 -8.29 -7.03
C LYS A 21 -17.71 -8.79 -8.34
N SER A 22 -18.72 -8.09 -8.83
CA SER A 22 -19.41 -8.51 -10.04
C SER A 22 -18.53 -8.60 -11.29
N SER A 23 -17.47 -7.80 -11.34
CA SER A 23 -16.61 -7.80 -12.51
C SER A 23 -15.17 -8.24 -12.24
N ASP A 24 -14.87 -8.62 -11.01
CA ASP A 24 -13.52 -9.04 -10.65
C ASP A 24 -12.52 -7.99 -11.14
N SER A 25 -12.93 -6.73 -11.06
CA SER A 25 -12.10 -5.63 -11.54
C SER A 25 -11.29 -4.92 -10.46
N HIS A 26 -9.97 -5.05 -10.56
CA HIS A 26 -9.05 -4.44 -9.61
C HIS A 26 -9.14 -2.91 -9.68
N PHE A 27 -9.37 -2.26 -8.54
CA PHE A 27 -9.44 -0.80 -8.54
C PHE A 27 -8.55 -0.14 -7.48
N CYS A 28 -8.07 -0.92 -6.51
CA CYS A 28 -7.18 -0.40 -5.45
C CYS A 28 -6.40 -1.53 -4.80
N GLY A 29 -5.27 -1.19 -4.20
CA GLY A 29 -4.46 -2.18 -3.52
C GLY A 29 -4.77 -2.12 -2.03
N GLY A 30 -4.16 -3.01 -1.25
CA GLY A 30 -4.37 -3.04 0.18
C GLY A 30 -3.26 -3.81 0.86
N SER A 31 -3.21 -3.76 2.19
CA SER A 31 -2.18 -4.47 2.93
C SER A 31 -2.75 -5.29 4.09
N ILE A 32 -2.42 -6.58 4.10
CA ILE A 32 -2.88 -7.47 5.16
C ILE A 32 -2.11 -7.15 6.45
N ILE A 33 -2.82 -6.92 7.55
CA ILE A 33 -2.15 -6.66 8.82
C ILE A 33 -2.40 -7.78 9.84
N ASN A 34 -3.41 -8.62 9.56
CA ASN A 34 -3.72 -9.81 10.35
C ASN A 34 -4.78 -10.63 9.59
N ASP A 35 -5.13 -11.82 10.08
CA ASP A 35 -6.05 -12.65 9.30
C ASP A 35 -7.51 -12.24 9.15
N ARG A 36 -7.87 -11.05 9.61
CA ARG A 36 -9.23 -10.57 9.45
C ARG A 36 -9.22 -9.11 9.00
N TRP A 37 -8.05 -8.48 8.98
CA TRP A 37 -7.97 -7.07 8.60
C TRP A 37 -6.97 -6.66 7.52
N VAL A 38 -7.40 -5.71 6.71
CA VAL A 38 -6.60 -5.17 5.62
C VAL A 38 -6.61 -3.63 5.67
N VAL A 39 -5.44 -3.02 5.54
CA VAL A 39 -5.34 -1.57 5.55
C VAL A 39 -5.44 -1.08 4.11
N CYS A 40 -6.20 0.00 3.91
CA CYS A 40 -6.41 0.56 2.58
C CYS A 40 -6.52 2.08 2.72
N ALA A 41 -6.88 2.75 1.62
CA ALA A 41 -7.03 4.19 1.64
C ALA A 41 -8.50 4.56 1.80
N ALA A 42 -8.76 5.73 2.36
CA ALA A 42 -10.14 6.18 2.55
C ALA A 42 -10.80 6.45 1.22
N HIS A 43 -10.09 7.10 0.30
CA HIS A 43 -10.66 7.42 -1.00
C HIS A 43 -10.99 6.18 -1.82
N CYS A 44 -10.46 5.03 -1.44
CA CYS A 44 -10.74 3.79 -2.16
C CYS A 44 -12.04 3.19 -1.64
N MET A 45 -12.26 3.30 -0.33
CA MET A 45 -13.44 2.73 0.31
C MET A 45 -14.64 3.64 0.56
N GLN A 46 -14.45 4.95 0.47
CA GLN A 46 -15.54 5.89 0.70
C GLN A 46 -16.75 5.59 -0.18
N GLY A 47 -17.88 5.27 0.44
CA GLY A 47 -19.09 4.99 -0.32
C GLY A 47 -19.26 3.56 -0.80
N GLU A 48 -18.25 2.71 -0.60
CA GLU A 48 -18.32 1.32 -1.03
C GLU A 48 -19.19 0.48 -0.11
N ALA A 49 -19.87 -0.51 -0.70
CA ALA A 49 -20.74 -1.40 0.05
C ALA A 49 -20.00 -2.73 0.19
N PRO A 50 -19.92 -3.26 1.42
CA PRO A 50 -19.23 -4.53 1.68
C PRO A 50 -19.58 -5.66 0.72
N ALA A 51 -20.87 -5.81 0.42
CA ALA A 51 -21.33 -6.88 -0.47
C ALA A 51 -20.84 -6.77 -1.90
N LEU A 52 -20.42 -5.59 -2.31
CA LEU A 52 -19.96 -5.39 -3.68
C LEU A 52 -18.45 -5.39 -3.86
N VAL A 53 -17.73 -5.64 -2.77
CA VAL A 53 -16.27 -5.66 -2.83
C VAL A 53 -15.70 -7.04 -2.53
N SER A 54 -14.62 -7.37 -3.21
CA SER A 54 -13.93 -8.64 -3.01
C SER A 54 -12.47 -8.35 -2.75
N LEU A 55 -11.89 -9.02 -1.75
CA LEU A 55 -10.48 -8.82 -1.46
C LEU A 55 -9.77 -10.08 -1.96
N VAL A 56 -8.83 -9.91 -2.87
CA VAL A 56 -8.09 -11.04 -3.40
C VAL A 56 -6.66 -11.02 -2.89
N VAL A 57 -6.26 -12.10 -2.23
CA VAL A 57 -4.90 -12.24 -1.69
C VAL A 57 -4.27 -13.45 -2.35
N GLY A 58 -2.94 -13.56 -2.26
CA GLY A 58 -2.26 -14.68 -2.89
C GLY A 58 -2.28 -14.50 -4.41
N GLU A 59 -2.40 -13.25 -4.83
CA GLU A 59 -2.42 -12.93 -6.26
C GLU A 59 -1.02 -12.60 -6.76
N HIS A 60 -0.80 -12.82 -8.05
CA HIS A 60 0.48 -12.50 -8.69
C HIS A 60 0.19 -12.05 -10.11
N ASP A 61 -0.19 -13.02 -10.95
CA ASP A 61 -0.56 -12.75 -12.34
C ASP A 61 -2.07 -12.92 -12.37
N SER A 62 -2.79 -11.82 -12.36
CA SER A 62 -4.24 -11.85 -12.36
C SER A 62 -4.85 -12.51 -13.59
N SER A 63 -4.08 -12.69 -14.65
CA SER A 63 -4.62 -13.31 -15.86
C SER A 63 -4.39 -14.82 -15.90
N ALA A 64 -3.76 -15.37 -14.87
CA ALA A 64 -3.49 -16.81 -14.83
C ALA A 64 -4.35 -17.55 -13.82
N ALA A 65 -4.58 -18.83 -14.07
CA ALA A 65 -5.35 -19.65 -13.15
C ALA A 65 -4.39 -19.86 -11.99
N SER A 66 -4.90 -19.91 -10.76
CA SER A 66 -4.02 -20.07 -9.61
C SER A 66 -4.66 -20.81 -8.44
N THR A 67 -3.87 -21.68 -7.81
CA THR A 67 -4.34 -22.45 -6.66
C THR A 67 -4.00 -21.70 -5.38
N VAL A 68 -3.19 -20.65 -5.51
CA VAL A 68 -2.79 -19.87 -4.34
C VAL A 68 -3.75 -18.72 -4.06
N ARG A 69 -4.34 -18.17 -5.12
CA ARG A 69 -5.27 -17.05 -5.01
C ARG A 69 -6.48 -17.35 -4.10
N GLN A 70 -6.72 -16.46 -3.15
CA GLN A 70 -7.85 -16.59 -2.24
C GLN A 70 -8.73 -15.36 -2.45
N THR A 71 -10.02 -15.58 -2.65
CA THR A 71 -10.96 -14.48 -2.83
C THR A 71 -11.81 -14.39 -1.56
N HIS A 72 -11.83 -13.21 -0.94
CA HIS A 72 -12.59 -13.04 0.30
C HIS A 72 -13.71 -12.01 0.24
N ASP A 73 -14.84 -12.34 0.87
CA ASP A 73 -15.96 -11.41 0.94
C ASP A 73 -15.60 -10.44 2.05
N VAL A 74 -16.18 -9.25 2.01
CA VAL A 74 -15.92 -8.24 3.02
C VAL A 74 -17.04 -8.20 4.06
N ASP A 75 -16.65 -8.18 5.33
CA ASP A 75 -17.61 -8.14 6.44
C ASP A 75 -18.04 -6.69 6.66
N SER A 76 -17.06 -5.82 6.86
CA SER A 76 -17.33 -4.42 7.11
C SER A 76 -16.20 -3.52 6.64
N ILE A 77 -16.51 -2.26 6.43
CA ILE A 77 -15.55 -1.29 5.95
C ILE A 77 -15.54 -0.09 6.89
N PHE A 78 -14.36 0.39 7.25
CA PHE A 78 -14.23 1.53 8.14
C PHE A 78 -13.37 2.62 7.53
N VAL A 79 -14.00 3.75 7.19
CA VAL A 79 -13.28 4.87 6.61
C VAL A 79 -13.02 5.88 7.72
N ASN A 80 -11.82 6.43 7.77
CA ASN A 80 -11.49 7.38 8.82
C ASN A 80 -12.55 8.46 8.83
N GLU A 81 -13.15 8.66 9.99
CA GLU A 81 -14.20 9.66 10.12
C GLU A 81 -13.76 11.08 9.75
N ASN A 82 -12.47 11.37 9.88
CA ASN A 82 -11.94 12.70 9.54
C ASN A 82 -11.38 12.84 8.13
N TYR A 83 -11.60 11.82 7.30
CA TYR A 83 -11.12 11.86 5.92
C TYR A 83 -11.65 13.12 5.20
N ASP A 84 -10.77 13.90 4.59
CA ASP A 84 -11.20 15.09 3.88
C ASP A 84 -10.97 14.86 2.39
N PRO A 85 -12.06 14.61 1.63
CA PRO A 85 -11.93 14.36 0.20
C PRO A 85 -11.29 15.50 -0.58
N ALA A 86 -11.23 16.67 0.03
CA ALA A 86 -10.65 17.84 -0.63
C ALA A 86 -9.15 17.97 -0.43
N THR A 87 -8.70 17.76 0.81
CA THR A 87 -7.28 17.87 1.13
C THR A 87 -6.58 16.51 1.17
N LEU A 88 -7.37 15.44 1.17
CA LEU A 88 -6.85 14.08 1.23
C LEU A 88 -6.24 13.75 2.59
N GLU A 89 -6.51 14.59 3.58
CA GLU A 89 -6.03 14.33 4.93
C GLU A 89 -6.78 13.13 5.48
N ASN A 90 -6.12 12.34 6.32
CA ASN A 90 -6.73 11.17 6.93
C ASN A 90 -7.25 10.18 5.90
N ASP A 91 -6.49 10.00 4.83
CA ASP A 91 -6.89 9.08 3.76
C ASP A 91 -6.56 7.64 4.14
N VAL A 92 -7.22 7.14 5.19
CA VAL A 92 -6.98 5.78 5.64
C VAL A 92 -8.27 5.03 5.99
N SER A 93 -8.24 3.71 5.80
CA SER A 93 -9.39 2.87 6.11
C SER A 93 -8.90 1.46 6.40
N VAL A 94 -9.74 0.67 7.06
CA VAL A 94 -9.42 -0.72 7.34
C VAL A 94 -10.63 -1.53 6.91
N ILE A 95 -10.38 -2.70 6.36
CA ILE A 95 -11.45 -3.56 5.87
C ILE A 95 -11.37 -4.91 6.57
N LYS A 96 -12.50 -5.39 7.06
CA LYS A 96 -12.55 -6.68 7.74
C LYS A 96 -13.13 -7.74 6.83
N THR A 97 -12.51 -8.93 6.84
CA THR A 97 -12.98 -10.02 6.00
C THR A 97 -14.11 -10.77 6.69
N ALA A 98 -14.87 -11.52 5.90
CA ALA A 98 -15.99 -12.30 6.43
C ALA A 98 -15.42 -13.52 7.16
N VAL A 99 -14.36 -14.11 6.60
CA VAL A 99 -13.71 -15.26 7.22
C VAL A 99 -12.21 -15.01 7.31
N ALA A 100 -11.54 -15.77 8.17
CA ALA A 100 -10.10 -15.62 8.36
C ALA A 100 -9.30 -15.94 7.12
N ILE A 101 -8.30 -15.11 6.85
CA ILE A 101 -7.42 -15.28 5.70
C ILE A 101 -6.46 -16.41 6.05
N THR A 102 -6.20 -17.30 5.11
CA THR A 102 -5.28 -18.41 5.34
C THR A 102 -3.85 -17.93 5.12
N PHE A 103 -3.03 -18.06 6.16
CA PHE A 103 -1.64 -17.64 6.09
C PHE A 103 -0.67 -18.80 5.87
N ASP A 104 0.31 -18.57 5.00
CA ASP A 104 1.34 -19.56 4.72
C ASP A 104 2.54 -18.86 4.08
N ILE A 105 3.42 -19.61 3.46
CA ILE A 105 4.61 -19.03 2.84
C ILE A 105 4.29 -17.96 1.80
N ASN A 106 3.13 -18.07 1.14
CA ASN A 106 2.74 -17.12 0.11
C ASN A 106 1.86 -15.95 0.55
N VAL A 107 1.19 -16.11 1.69
CA VAL A 107 0.29 -15.07 2.18
C VAL A 107 0.54 -14.78 3.66
N GLY A 108 0.83 -13.53 3.98
CA GLY A 108 1.09 -13.16 5.36
C GLY A 108 0.93 -11.67 5.57
N PRO A 109 0.83 -11.20 6.83
CA PRO A 109 0.67 -9.78 7.15
C PRO A 109 1.97 -9.01 7.19
N ILE A 110 1.88 -7.70 7.03
CA ILE A 110 3.05 -6.83 7.08
C ILE A 110 3.08 -6.22 8.48
N CYS A 111 4.26 -5.80 8.94
CA CYS A 111 4.36 -5.22 10.26
C CYS A 111 3.90 -3.78 10.31
N ALA A 112 3.54 -3.34 11.52
CA ALA A 112 3.11 -1.97 11.73
C ALA A 112 4.38 -1.15 11.80
N PRO A 113 4.29 0.16 11.52
CA PRO A 113 5.49 1.01 11.58
C PRO A 113 5.69 1.46 13.02
N ASP A 114 6.83 2.08 13.30
CA ASP A 114 7.10 2.59 14.63
C ASP A 114 6.63 4.04 14.50
N PRO A 115 5.56 4.42 15.20
CA PRO A 115 5.05 5.79 15.12
C PRO A 115 6.10 6.87 15.39
N ALA A 116 7.10 6.54 16.21
CA ALA A 116 8.14 7.50 16.57
C ALA A 116 9.31 7.49 15.60
N ASN A 117 9.02 7.41 14.31
CA ASN A 117 10.04 7.40 13.27
C ASN A 117 9.39 7.97 12.02
N ASP A 118 9.95 9.06 11.49
CA ASP A 118 9.39 9.67 10.28
C ASP A 118 9.98 9.04 9.02
N TYR A 119 10.95 8.15 9.20
CA TYR A 119 11.59 7.44 8.08
C TYR A 119 12.25 8.32 7.02
N VAL A 120 12.65 9.53 7.43
CA VAL A 120 13.29 10.45 6.50
C VAL A 120 14.50 9.83 5.80
N TYR A 121 14.48 9.90 4.47
CA TYR A 121 15.56 9.40 3.62
C TYR A 121 15.76 7.89 3.59
N ARG A 122 14.86 7.15 4.22
CA ARG A 122 14.97 5.68 4.20
C ARG A 122 14.62 5.16 2.80
N LYS A 123 15.20 4.02 2.44
CA LYS A 123 14.88 3.41 1.16
C LYS A 123 13.57 2.70 1.45
N SER A 124 12.64 2.75 0.49
CA SER A 124 11.33 2.13 0.67
C SER A 124 10.88 1.37 -0.57
N GLN A 125 9.82 0.58 -0.41
CA GLN A 125 9.27 -0.20 -1.50
C GLN A 125 7.78 0.11 -1.64
N CYS A 126 7.28 0.07 -2.87
CA CYS A 126 5.87 0.28 -3.14
C CYS A 126 5.49 -0.70 -4.24
N SER A 127 4.44 -1.48 -3.99
CA SER A 127 4.00 -2.48 -4.97
C SER A 127 2.52 -2.34 -5.32
N GLY A 128 2.15 -2.90 -6.46
CA GLY A 128 0.76 -2.83 -6.89
C GLY A 128 0.56 -3.18 -8.35
N TRP A 129 -0.70 -3.26 -8.77
CA TRP A 129 -1.06 -3.55 -10.15
C TRP A 129 -1.54 -2.27 -10.81
N GLY A 130 -1.02 -1.12 -10.35
CA GLY A 130 -1.42 0.15 -10.93
C GLY A 130 -0.82 0.36 -12.31
N THR A 131 -1.26 1.42 -13.00
CA THR A 131 -0.74 1.72 -14.34
C THR A 131 0.76 2.00 -14.30
N ILE A 132 1.44 1.73 -15.43
CA ILE A 132 2.87 1.95 -15.53
C ILE A 132 3.23 3.33 -16.10
N ASN A 133 2.19 4.13 -16.35
CA ASN A 133 2.33 5.49 -16.87
C ASN A 133 1.07 6.25 -16.50
N SER A 134 1.20 7.54 -16.23
CA SER A 134 0.03 8.34 -15.89
C SER A 134 -0.80 8.42 -17.16
N GLY A 135 -2.04 7.95 -17.08
CA GLY A 135 -2.90 7.97 -18.25
C GLY A 135 -2.88 6.64 -18.96
N GLY A 136 -2.10 5.70 -18.43
CA GLY A 136 -2.02 4.39 -19.04
C GLY A 136 -3.30 3.61 -18.85
N VAL A 137 -3.39 2.44 -19.48
CA VAL A 137 -4.57 1.60 -19.37
C VAL A 137 -4.40 0.67 -18.17
N CYS A 138 -5.42 0.62 -17.33
CA CYS A 138 -5.40 -0.22 -16.15
C CYS A 138 -5.97 -1.59 -16.58
N CYS A 139 -5.36 -2.69 -16.14
CA CYS A 139 -4.18 -2.72 -15.28
C CYS A 139 -3.25 -3.88 -15.66
N PRO A 140 -1.94 -3.75 -15.38
CA PRO A 140 -1.01 -4.84 -15.72
C PRO A 140 -1.36 -6.11 -14.94
N ALA A 141 -1.23 -7.26 -15.61
CA ALA A 141 -1.56 -8.54 -15.00
C ALA A 141 -0.64 -8.97 -13.86
N VAL A 142 0.66 -8.75 -14.02
CA VAL A 142 1.63 -9.16 -13.01
C VAL A 142 1.99 -8.07 -12.02
N LEU A 143 2.01 -8.43 -10.74
CA LEU A 143 2.35 -7.50 -9.68
C LEU A 143 3.71 -6.86 -9.90
N ARG A 144 3.79 -5.55 -9.71
CA ARG A 144 5.04 -4.83 -9.88
C ARG A 144 5.40 -4.09 -8.60
N TYR A 145 6.63 -3.60 -8.53
CA TYR A 145 7.08 -2.84 -7.37
C TYR A 145 8.27 -2.00 -7.77
N VAL A 146 8.54 -0.96 -6.98
CA VAL A 146 9.65 -0.06 -7.25
C VAL A 146 10.22 0.39 -5.92
N THR A 147 11.51 0.71 -5.87
CA THR A 147 12.08 1.20 -4.63
C THR A 147 12.14 2.72 -4.73
N LEU A 148 11.89 3.38 -3.61
CA LEU A 148 11.85 4.83 -3.57
C LEU A 148 12.57 5.39 -2.36
N ASN A 149 12.73 6.71 -2.36
CA ASN A 149 13.37 7.40 -1.25
C ASN A 149 12.29 8.21 -0.55
N ILE A 150 12.15 8.03 0.76
CA ILE A 150 11.17 8.77 1.54
C ILE A 150 11.76 10.17 1.78
N THR A 151 11.07 11.17 1.29
CA THR A 151 11.52 12.56 1.42
C THR A 151 11.07 13.17 2.75
N THR A 152 11.53 14.38 3.01
CA THR A 152 11.12 15.11 4.19
C THR A 152 9.81 15.73 3.74
N ASN A 153 8.88 15.99 4.66
CA ASN A 153 7.62 16.60 4.27
C ASN A 153 7.84 18.00 3.74
N ALA A 154 8.86 18.70 4.25
CA ALA A 154 9.15 20.06 3.82
C ALA A 154 9.54 20.08 2.34
N PHE A 155 10.35 19.10 1.93
CA PHE A 155 10.78 19.01 0.54
C PHE A 155 9.56 18.78 -0.35
N CYS A 156 8.79 17.76 0.00
CA CYS A 156 7.60 17.41 -0.76
C CYS A 156 6.64 18.59 -0.86
N ASP A 157 6.47 19.30 0.26
CA ASP A 157 5.56 20.45 0.30
C ASP A 157 6.09 21.58 -0.58
N ALA A 158 7.42 21.68 -0.68
CA ALA A 158 8.04 22.70 -1.52
C ALA A 158 7.79 22.40 -3.01
N VAL A 159 7.86 21.12 -3.37
CA VAL A 159 7.63 20.74 -4.78
C VAL A 159 6.17 20.98 -5.18
N TYR A 160 5.24 20.67 -4.27
CA TYR A 160 3.83 20.89 -4.54
C TYR A 160 3.53 22.36 -4.28
N THR A 161 3.97 23.21 -5.22
CA THR A 161 3.79 24.65 -5.11
C THR A 161 2.35 25.11 -4.99
N SER A 162 1.39 24.23 -5.29
CA SER A 162 -0.02 24.59 -5.22
C SER A 162 -0.85 23.67 -4.33
N ASP A 163 -0.19 22.80 -3.57
CA ASP A 163 -0.91 21.88 -2.71
C ASP A 163 -0.19 21.73 -1.38
N THR A 164 -0.96 21.52 -0.32
CA THR A 164 -0.42 21.38 1.02
C THR A 164 -0.16 19.92 1.41
N ILE A 165 1.04 19.66 1.91
CA ILE A 165 1.40 18.32 2.37
C ILE A 165 1.27 18.38 3.89
N TYR A 166 0.29 17.66 4.45
CA TYR A 166 0.08 17.67 5.89
C TYR A 166 0.93 16.67 6.64
N ASP A 167 1.04 16.86 7.95
CA ASP A 167 1.85 16.00 8.80
C ASP A 167 1.43 14.53 8.79
N ASP A 168 0.18 14.26 8.44
CA ASP A 168 -0.29 12.87 8.39
C ASP A 168 -0.01 12.25 7.03
N MET A 169 0.86 12.90 6.27
CA MET A 169 1.23 12.41 4.94
C MET A 169 2.73 12.14 4.90
N ILE A 170 3.14 11.26 3.98
CA ILE A 170 4.54 10.91 3.81
C ILE A 170 4.74 10.76 2.30
N CYS A 171 5.82 11.34 1.78
CA CYS A 171 6.08 11.27 0.35
C CYS A 171 7.30 10.41 0.04
N ALA A 172 7.36 9.93 -1.19
CA ALA A 172 8.47 9.10 -1.63
C ALA A 172 8.63 9.27 -3.14
N THR A 173 9.88 9.30 -3.60
CA THR A 173 10.15 9.48 -5.02
C THR A 173 11.58 9.01 -5.33
N ASP A 174 12.02 9.22 -6.56
CA ASP A 174 13.37 8.84 -6.96
C ASP A 174 14.33 9.99 -6.65
N ASN A 175 15.63 9.76 -6.82
CA ASN A 175 16.64 10.78 -6.56
C ASN A 175 17.13 11.40 -7.88
N THR A 176 16.41 11.10 -8.96
CA THR A 176 16.84 11.56 -10.27
C THR A 176 15.94 12.54 -11.02
N GLY A 177 15.10 13.28 -10.32
CA GLY A 177 14.23 14.24 -11.00
C GLY A 177 12.74 14.05 -10.81
N MET A 178 12.36 12.95 -10.17
CA MET A 178 10.96 12.65 -9.90
C MET A 178 10.18 12.38 -11.19
N THR A 179 10.90 11.91 -12.21
CA THR A 179 10.31 11.59 -13.50
C THR A 179 10.56 10.12 -13.84
N ASP A 180 11.12 9.37 -12.91
CA ASP A 180 11.42 7.96 -13.14
C ASP A 180 10.58 6.95 -12.37
N ARG A 181 10.42 7.17 -11.07
CA ARG A 181 9.69 6.23 -10.23
C ARG A 181 8.52 6.84 -9.46
N ASP A 182 7.46 6.06 -9.29
CA ASP A 182 6.28 6.55 -8.57
C ASP A 182 5.18 5.48 -8.57
N SER A 183 4.15 5.69 -7.76
CA SER A 183 3.01 4.80 -7.73
C SER A 183 2.03 5.51 -8.67
N CYS A 184 0.95 4.85 -9.08
CA CYS A 184 0.01 5.50 -10.00
C CYS A 184 -1.42 4.96 -9.79
N GLN A 185 -2.33 5.38 -10.67
CA GLN A 185 -3.74 4.97 -10.68
C GLN A 185 -3.81 3.44 -10.53
N GLY A 186 -4.54 2.94 -9.53
CA GLY A 186 -4.64 1.51 -9.33
C GLY A 186 -3.76 0.99 -8.19
N ASP A 187 -2.74 1.77 -7.82
CA ASP A 187 -1.86 1.37 -6.73
C ASP A 187 -2.44 1.88 -5.41
N SER A 188 -3.30 2.88 -5.51
CA SER A 188 -3.95 3.49 -4.34
C SER A 188 -4.40 2.47 -3.30
N GLY A 189 -4.21 2.82 -2.02
CA GLY A 189 -4.60 1.94 -0.95
C GLY A 189 -3.53 0.90 -0.66
N GLY A 190 -2.61 0.75 -1.60
CA GLY A 190 -1.52 -0.21 -1.48
C GLY A 190 -0.42 0.19 -0.50
N PRO A 191 0.58 -0.67 -0.31
CA PRO A 191 1.69 -0.41 0.63
C PRO A 191 2.95 0.33 0.18
N LEU A 192 3.44 1.17 1.09
CA LEU A 192 4.71 1.88 0.92
C LEU A 192 5.36 1.31 2.16
N SER A 193 6.43 0.54 1.98
CA SER A 193 7.08 -0.08 3.12
C SER A 193 8.58 0.19 3.18
N VAL A 194 9.19 -0.28 4.26
CA VAL A 194 10.63 -0.20 4.47
C VAL A 194 10.99 -1.57 5.07
N LYS A 195 12.23 -1.99 4.96
CA LYS A 195 12.63 -3.27 5.53
C LYS A 195 13.87 -3.10 6.38
N ASP A 196 13.96 -3.90 7.45
CA ASP A 196 15.11 -3.82 8.34
C ASP A 196 16.23 -4.76 7.90
N GLY A 197 17.27 -4.83 8.72
CA GLY A 197 18.42 -5.67 8.41
C GLY A 197 18.11 -7.15 8.32
N SER A 198 16.98 -7.58 8.84
CA SER A 198 16.59 -8.99 8.81
C SER A 198 15.67 -9.28 7.63
N GLY A 199 15.33 -8.25 6.86
CA GLY A 199 14.46 -8.43 5.73
C GLY A 199 12.99 -8.40 6.10
N ILE A 200 12.69 -7.92 7.31
CA ILE A 200 11.31 -7.82 7.78
C ILE A 200 10.71 -6.48 7.34
N PHE A 201 9.57 -6.54 6.66
CA PHE A 201 8.89 -5.35 6.14
C PHE A 201 7.88 -4.69 7.07
N SER A 202 7.84 -3.36 7.04
CA SER A 202 6.92 -2.57 7.86
C SER A 202 6.13 -1.61 6.98
N LEU A 203 4.84 -1.45 7.25
CA LEU A 203 3.97 -0.56 6.47
C LEU A 203 4.08 0.88 6.99
N VAL A 204 4.75 1.74 6.22
CA VAL A 204 4.94 3.13 6.63
C VAL A 204 4.05 4.11 5.87
N GLY A 205 3.46 3.65 4.76
CA GLY A 205 2.62 4.53 3.98
C GLY A 205 1.54 3.80 3.19
N ILE A 206 0.50 4.53 2.82
CA ILE A 206 -0.61 3.99 2.04
C ILE A 206 -0.71 4.85 0.78
N VAL A 207 -0.57 4.25 -0.41
CA VAL A 207 -0.65 5.01 -1.67
C VAL A 207 -1.91 5.88 -1.61
N SER A 208 -1.71 7.20 -1.66
CA SER A 208 -2.82 8.12 -1.54
C SER A 208 -3.15 9.00 -2.74
N TRP A 209 -2.24 9.92 -3.07
CA TRP A 209 -2.47 10.83 -4.19
C TRP A 209 -1.19 11.42 -4.74
N GLY A 210 -1.34 12.25 -5.77
CA GLY A 210 -0.19 12.89 -6.38
C GLY A 210 -0.62 13.57 -7.67
N ILE A 211 0.27 14.38 -8.23
CA ILE A 211 -0.01 15.06 -9.49
C ILE A 211 0.71 14.26 -10.55
N GLY A 212 -0.06 13.62 -11.43
CA GLY A 212 0.52 12.78 -12.46
C GLY A 212 1.16 11.59 -11.78
N CYS A 213 2.12 10.96 -12.45
CA CYS A 213 2.82 9.80 -11.91
C CYS A 213 4.24 9.88 -12.45
N ALA A 214 5.20 10.16 -11.58
CA ALA A 214 6.58 10.32 -12.02
C ALA A 214 6.53 11.43 -13.06
N SER A 215 5.76 12.47 -12.74
CA SER A 215 5.60 13.61 -13.64
C SER A 215 6.28 14.85 -13.06
N GLY A 216 7.30 14.65 -12.22
CA GLY A 216 8.00 15.77 -11.63
C GLY A 216 7.60 16.07 -10.20
N TYR A 217 6.61 15.33 -9.69
CA TYR A 217 6.13 15.52 -8.31
C TYR A 217 6.25 14.21 -7.54
N PRO A 218 6.62 14.28 -6.25
CA PRO A 218 6.75 13.06 -5.47
C PRO A 218 5.38 12.42 -5.25
N GLY A 219 5.35 11.11 -5.06
CA GLY A 219 4.08 10.47 -4.79
C GLY A 219 3.75 10.78 -3.35
N VAL A 220 2.47 10.95 -3.03
CA VAL A 220 2.06 11.24 -1.66
C VAL A 220 1.31 10.06 -1.07
N TYR A 221 1.65 9.72 0.18
CA TYR A 221 1.05 8.60 0.87
C TYR A 221 0.53 9.00 2.24
N SER A 222 -0.41 8.23 2.77
CA SER A 222 -0.93 8.51 4.10
C SER A 222 0.10 7.91 5.06
N ARG A 223 0.59 8.72 6.00
CA ARG A 223 1.59 8.27 6.96
C ARG A 223 0.97 7.32 7.98
N VAL A 224 1.27 6.03 7.84
CA VAL A 224 0.70 5.02 8.72
C VAL A 224 1.06 5.20 10.19
N GLY A 225 2.27 5.65 10.47
CA GLY A 225 2.65 5.85 11.86
C GLY A 225 1.73 6.86 12.52
N PHE A 226 1.36 7.90 11.77
CA PHE A 226 0.47 8.95 12.28
C PHE A 226 -0.92 8.42 12.58
N HIS A 227 -1.38 7.47 11.77
CA HIS A 227 -2.71 6.87 11.93
C HIS A 227 -2.70 5.53 12.65
N ALA A 228 -1.54 5.14 13.17
CA ALA A 228 -1.42 3.84 13.85
C ALA A 228 -2.43 3.64 14.97
N GLY A 229 -2.60 4.66 15.81
CA GLY A 229 -3.54 4.56 16.90
C GLY A 229 -4.95 4.31 16.40
N TRP A 230 -5.35 5.04 15.36
CA TRP A 230 -6.68 4.88 14.79
C TRP A 230 -6.87 3.44 14.29
N ILE A 231 -5.87 2.93 13.57
CA ILE A 231 -5.95 1.58 13.03
C ILE A 231 -6.07 0.55 14.16
N THR A 232 -5.29 0.75 15.22
CA THR A 232 -5.33 -0.19 16.35
C THR A 232 -6.70 -0.19 17.02
N ASP A 233 -7.23 0.99 17.32
CA ASP A 233 -8.52 1.10 17.97
C ASP A 233 -9.63 0.52 17.10
N THR A 234 -9.58 0.80 15.80
CA THR A 234 -10.60 0.32 14.89
C THR A 234 -10.64 -1.19 14.74
N ILE A 235 -9.48 -1.83 14.54
CA ILE A 235 -9.46 -3.27 14.38
C ILE A 235 -9.64 -4.03 15.70
N THR A 236 -9.43 -3.34 16.82
CA THR A 236 -9.57 -3.96 18.13
C THR A 236 -11.01 -3.87 18.66
N ASN A 237 -11.73 -2.84 18.23
CA ASN A 237 -13.10 -2.61 18.68
C ASN A 237 -14.16 -3.05 17.68
N ASN A 238 -13.74 -3.65 16.57
CA ASN A 238 -14.70 -4.10 15.57
C ASN A 238 -14.34 -5.50 15.07
N PRO B 2 6.63 -0.40 17.47
CA PRO B 2 5.48 -0.60 16.59
C PRO B 2 4.36 -1.36 17.31
N PRO B 3 3.09 -0.99 17.07
CA PRO B 3 2.02 -1.73 17.75
C PRO B 3 1.96 -3.13 17.14
N VAL B 4 1.45 -4.09 17.91
CA VAL B 4 1.33 -5.45 17.40
C VAL B 4 -0.08 -5.71 16.89
N TRP B 5 -0.25 -5.67 15.58
CA TRP B 5 -1.56 -5.90 14.98
C TRP B 5 -1.79 -7.38 14.70
N TYR B 6 -0.71 -8.16 14.72
CA TYR B 6 -0.80 -9.58 14.43
C TYR B 6 -0.11 -10.43 15.50
N PRO B 7 -0.77 -10.62 16.64
CA PRO B 7 -0.19 -11.43 17.73
C PRO B 7 -0.07 -12.91 17.39
N GLY B 8 -0.67 -13.33 16.28
CA GLY B 8 -0.62 -14.73 15.89
C GLY B 8 0.71 -15.26 15.36
N GLY B 9 1.68 -14.38 15.12
CA GLY B 9 2.97 -14.82 14.60
C GLY B 9 3.87 -13.69 14.17
N GLN B 10 4.83 -13.98 13.28
CA GLN B 10 5.77 -12.96 12.79
C GLN B 10 5.20 -12.23 11.57
N CYS B 11 5.26 -10.91 11.60
CA CYS B 11 4.76 -10.10 10.51
C CYS B 11 5.91 -9.69 9.59
N GLY B 12 5.54 -9.23 8.39
CA GLY B 12 6.53 -8.76 7.43
C GLY B 12 7.55 -9.71 6.87
N VAL B 13 7.20 -10.99 6.76
CA VAL B 13 8.14 -11.96 6.23
C VAL B 13 7.88 -12.31 4.77
N SER B 14 8.94 -12.33 3.97
CA SER B 14 8.85 -12.70 2.56
C SER B 14 9.71 -13.93 2.38
N GLN B 15 9.28 -14.86 1.54
CA GLN B 15 10.03 -16.09 1.31
C GLN B 15 11.37 -15.83 0.61
N TYR B 16 11.53 -14.66 0.00
CA TYR B 16 12.77 -14.32 -0.69
C TYR B 16 13.71 -13.54 0.24
N SER B 17 14.93 -14.04 0.39
CA SER B 17 15.90 -13.39 1.26
C SER B 17 16.25 -11.99 0.75
N ASP B 18 16.15 -11.79 -0.55
CA ASP B 18 16.46 -10.50 -1.15
C ASP B 18 15.19 -9.80 -1.66
N ALA B 19 14.09 -10.03 -0.96
CA ALA B 19 12.81 -9.43 -1.34
C ALA B 19 12.89 -7.91 -1.41
N GLY B 20 12.37 -7.35 -2.50
CA GLY B 20 12.36 -5.91 -2.69
C GLY B 20 13.69 -5.20 -2.76
N ASP B 21 14.74 -5.88 -3.22
CA ASP B 21 16.07 -5.27 -3.29
C ASP B 21 16.42 -4.49 -4.57
N MET B 22 15.42 -4.14 -5.37
CA MET B 22 15.70 -3.38 -6.58
C MET B 22 16.53 -2.14 -6.21
N GLU B 23 17.59 -1.89 -6.96
CA GLU B 23 18.45 -0.74 -6.70
C GLU B 23 17.74 0.60 -6.80
N LEU B 24 18.24 1.57 -6.04
CA LEU B 24 17.72 2.93 -6.02
C LEU B 24 18.94 3.85 -6.15
N PRO B 25 19.23 4.34 -7.37
CA PRO B 25 20.39 5.23 -7.56
C PRO B 25 20.32 6.50 -6.72
N PRO B 26 21.49 6.98 -6.26
CA PRO B 26 21.62 8.18 -5.44
C PRO B 26 21.34 9.50 -6.14
N GLY B 27 21.46 9.51 -7.47
CA GLY B 27 21.23 10.74 -8.22
C GLY B 27 22.33 11.76 -8.04
#